data_5NDX
#
_entry.id   5NDX
#
_cell.length_a   173.028
_cell.length_b   173.028
_cell.length_c   156.687
_cell.angle_alpha   90.00
_cell.angle_beta   90.00
_cell.angle_gamma   120.00
#
_symmetry.space_group_name_H-M   'P 62 2 2'
#
loop_
_entity.id
_entity.type
_entity.pdbx_description
1 polymer 'Glycosyl hydrolase'
2 non-polymer 'SULFATE ION'
3 non-polymer '(2~{R},3~{S},4~{S},5~{R},6~{S})-6-(4-methyl-2-oxidanylidene-chromen-7-yl)oxy-3,4,5-tris(oxidanyl)oxane-2-carboxylic acid'
4 water water
#
_entity_poly.entity_id   1
_entity_poly.type   'polypeptide(L)'
_entity_poly.pdbx_seq_one_letter_code
;MRERTRINVDASEAVRPFNRFWRGTGFSPAELLLEPEMRQMLAYIGGLPNEGIKFLRVHYLYNLLSAKGGAGYDWSLLDR
ALDVMIEHRLKPFFELMGNPSGLFTDYEDMDQVRRWRDLVTATVDRYGARYGMDELRTWYFETTNQADSGWWTYGIKGYT
NYYDACVAGLDAIDPSLPMGGPGTARTLSPIFRALMAHCDSGTSCLTGDGPPRIDYISIHEKGVNGSKEDLTPKTNAIVD
RTLLVVDYLKEHHPRLAGLPIVNDECDPQLGWSDHHSWHGKAYYAGIIARIIEQHDRRIIAPKAANFTFLSSDHAFIGGW
SQRTIFAYFGSRNFTKAQWEHKTNLDMLVTDVDRTPPFDIIKKPGLTSMELLATLGDTVCKVTAEPPLDPDQDGLAILPT
RLPGGGVSISLIHSVDAINRSGRTAVRLEVSGLVPGRHAICLLRIDEEFTNPMEVWEAQRDESNPRGPFEPVGAPPAPTE
AQFAELRRAQEPALLHPISVVACDEGRISVDLDVPLPSLTQVLVVPDVGVPPAAPTGLVVERYLGLGGREERMLFWAAGD
ISPAIFYDVLVSTDGGTFEKVSSAPLISTAFLHMSPPEGVRYAVCARDAFGRRSELCLSRS
;
_entity_poly.pdbx_strand_id   A
#
# COMPACT_ATOMS: atom_id res chain seq x y z
N MET A 1 -21.98 17.07 10.99
CA MET A 1 -23.20 17.72 10.41
C MET A 1 -24.26 16.68 9.88
N ARG A 2 -24.32 15.47 10.45
CA ARG A 2 -25.51 14.53 10.31
C ARG A 2 -25.72 13.66 11.59
N GLU A 3 -26.97 13.37 11.99
CA GLU A 3 -27.16 12.51 13.21
C GLU A 3 -27.35 11.01 12.97
N ARG A 4 -28.21 10.65 12.01
CA ARG A 4 -28.44 9.25 11.66
C ARG A 4 -28.70 9.13 10.18
N THR A 5 -28.03 8.21 9.54
CA THR A 5 -28.26 7.94 8.14
C THR A 5 -28.64 6.49 7.91
N ARG A 6 -29.72 6.26 7.16
CA ARG A 6 -30.09 4.90 6.73
C ARG A 6 -29.44 4.71 5.37
N ILE A 7 -28.59 3.69 5.25
CA ILE A 7 -27.93 3.37 3.98
C ILE A 7 -28.38 1.99 3.52
N ASN A 8 -28.91 1.89 2.29
CA ASN A 8 -29.25 0.63 1.69
C ASN A 8 -28.33 0.39 0.52
N VAL A 9 -27.68 -0.76 0.55
CA VAL A 9 -26.81 -1.21 -0.51
C VAL A 9 -27.51 -2.39 -1.18
N ASP A 10 -27.74 -2.28 -2.47
CA ASP A 10 -28.40 -3.36 -3.19
C ASP A 10 -27.41 -4.19 -3.99
N ALA A 11 -27.08 -5.34 -3.44
CA ALA A 11 -26.10 -6.23 -4.06
C ALA A 11 -26.56 -6.84 -5.39
N SER A 12 -27.88 -6.84 -5.65
CA SER A 12 -28.40 -7.40 -6.91
C SER A 12 -28.30 -6.37 -8.02
N GLU A 13 -27.93 -5.13 -7.73
CA GLU A 13 -27.83 -4.16 -8.77
C GLU A 13 -26.41 -3.58 -9.02
N ALA A 14 -25.75 -4.09 -10.06
CA ALA A 14 -24.43 -3.68 -10.52
C ALA A 14 -24.51 -2.34 -11.21
N VAL A 15 -23.64 -1.41 -10.84
CA VAL A 15 -23.60 -0.08 -11.42
C VAL A 15 -22.48 0.03 -12.47
N ARG A 16 -21.29 -0.49 -12.15
CA ARG A 16 -20.10 -0.44 -12.99
C ARG A 16 -19.00 -1.34 -12.39
N PRO A 17 -17.96 -1.66 -13.16
CA PRO A 17 -16.82 -2.33 -12.58
C PRO A 17 -16.12 -1.46 -11.52
N PHE A 18 -15.42 -2.10 -10.60
CA PHE A 18 -14.67 -1.42 -9.57
C PHE A 18 -13.26 -1.97 -9.61
N ASN A 19 -12.28 -1.09 -9.70
CA ASN A 19 -10.90 -1.46 -9.57
C ASN A 19 -10.30 -0.92 -8.28
N ARG A 20 -9.46 -1.75 -7.67
CA ARG A 20 -8.67 -1.33 -6.51
C ARG A 20 -7.41 -0.73 -7.08
N PHE A 21 -7.47 0.59 -7.33
CA PHE A 21 -6.48 1.28 -8.11
C PHE A 21 -5.30 1.89 -7.30
N TRP A 22 -5.21 1.60 -6.01
CA TRP A 22 -4.33 2.25 -5.06
C TRP A 22 -3.29 1.28 -4.50
N ARG A 23 -3.01 0.20 -5.21
CA ARG A 23 -2.31 -0.94 -4.59
C ARG A 23 -0.80 -0.83 -4.80
N GLY A 24 -0.25 0.21 -4.19
CA GLY A 24 1.16 0.54 -4.34
C GLY A 24 1.66 1.39 -3.22
N THR A 25 2.92 1.24 -2.92
CA THR A 25 3.60 2.15 -2.00
C THR A 25 5.03 2.34 -2.53
N GLY A 26 5.81 3.08 -1.79
CA GLY A 26 7.13 3.37 -2.20
C GLY A 26 7.96 3.99 -1.09
N PHE A 27 9.26 4.10 -1.39
CA PHE A 27 10.25 4.68 -0.49
C PHE A 27 11.55 4.99 -1.25
N SER A 28 12.49 5.59 -0.53
CA SER A 28 13.79 5.97 -1.01
C SER A 28 14.76 5.83 0.18
N PRO A 29 16.02 5.44 -0.02
CA PRO A 29 16.59 4.99 -1.27
C PRO A 29 16.56 3.48 -1.39
N ALA A 30 16.98 3.01 -2.56
CA ALA A 30 16.93 1.61 -2.93
C ALA A 30 17.75 0.70 -2.01
N GLU A 31 18.79 1.24 -1.41
CA GLU A 31 19.63 0.50 -0.48
C GLU A 31 18.86 -0.07 0.70
N LEU A 32 17.74 0.55 1.10
CA LEU A 32 16.91 -0.03 2.17
C LEU A 32 16.45 -1.40 1.85
N LEU A 33 16.33 -1.74 0.56
CA LEU A 33 15.90 -3.10 0.20
C LEU A 33 16.90 -4.18 0.64
N LEU A 34 18.14 -3.81 0.91
CA LEU A 34 19.14 -4.75 1.40
C LEU A 34 19.16 -4.86 2.92
N GLU A 35 18.43 -4.02 3.64
CA GLU A 35 18.44 -4.04 5.12
C GLU A 35 17.45 -5.06 5.69
N PRO A 36 17.77 -5.67 6.83
CA PRO A 36 16.81 -6.64 7.42
C PRO A 36 15.46 -6.06 7.87
N GLU A 37 15.44 -4.80 8.27
CA GLU A 37 14.21 -4.16 8.62
C GLU A 37 13.21 -4.16 7.44
N MET A 38 13.65 -3.74 6.27
CA MET A 38 12.82 -3.75 5.08
C MET A 38 12.44 -5.14 4.68
N ARG A 39 13.36 -6.10 4.86
CA ARG A 39 13.04 -7.51 4.54
C ARG A 39 11.82 -7.98 5.37
N GLN A 40 11.82 -7.68 6.65
CA GLN A 40 10.67 -8.01 7.51
C GLN A 40 9.42 -7.27 7.04
N MET A 41 9.57 -5.99 6.72
CA MET A 41 8.44 -5.18 6.27
CA MET A 41 8.44 -5.15 6.25
C MET A 41 7.77 -5.74 5.02
N LEU A 42 8.57 -6.26 4.08
CA LEU A 42 8.03 -6.80 2.84
C LEU A 42 7.11 -8.01 3.02
N ALA A 43 7.31 -8.78 4.08
CA ALA A 43 6.39 -9.86 4.44
C ALA A 43 5.02 -9.30 4.76
N TYR A 44 4.96 -8.23 5.58
CA TYR A 44 3.63 -7.63 5.86
C TYR A 44 3.05 -6.99 4.62
N ILE A 45 3.89 -6.29 3.83
CA ILE A 45 3.43 -5.57 2.64
C ILE A 45 2.92 -6.53 1.55
N GLY A 46 3.58 -7.67 1.39
CA GLY A 46 3.12 -8.68 0.44
C GLY A 46 2.02 -9.60 0.93
N GLY A 47 1.64 -9.48 2.17
CA GLY A 47 0.62 -10.35 2.75
C GLY A 47 -0.82 -9.87 2.79
N LEU A 48 -1.15 -8.74 2.16
CA LEU A 48 -2.49 -8.17 2.20
C LEU A 48 -3.42 -9.01 1.36
N PRO A 49 -4.70 -9.05 1.71
CA PRO A 49 -5.64 -9.87 0.92
C PRO A 49 -5.60 -9.51 -0.54
N ASN A 50 -5.55 -10.51 -1.41
CA ASN A 50 -5.76 -10.29 -2.83
C ASN A 50 -4.80 -9.26 -3.45
N GLU A 51 -3.53 -9.42 -3.16
CA GLU A 51 -2.51 -8.49 -3.63
C GLU A 51 -2.87 -7.02 -3.27
N GLY A 52 -3.27 -6.81 -2.03
CA GLY A 52 -3.74 -5.48 -1.53
C GLY A 52 -2.69 -4.39 -1.68
N ILE A 53 -1.41 -4.78 -1.59
CA ILE A 53 -0.34 -3.96 -2.16
C ILE A 53 0.45 -4.84 -3.14
N LYS A 54 0.62 -4.32 -4.34
CA LYS A 54 1.19 -5.09 -5.45
C LYS A 54 2.48 -4.50 -6.01
N PHE A 55 2.59 -3.15 -6.05
CA PHE A 55 3.73 -2.45 -6.63
C PHE A 55 4.52 -1.67 -5.59
N LEU A 56 5.85 -1.72 -5.72
CA LEU A 56 6.75 -0.87 -4.96
C LEU A 56 7.47 0.06 -5.90
N ARG A 57 7.45 1.34 -5.58
CA ARG A 57 8.07 2.38 -6.38
C ARG A 57 9.27 2.86 -5.58
N VAL A 58 10.42 2.29 -5.87
CA VAL A 58 11.62 2.54 -5.07
C VAL A 58 12.62 3.42 -5.87
N HIS A 59 13.03 4.55 -5.28
CA HIS A 59 13.93 5.50 -5.94
C HIS A 59 15.37 5.02 -6.03
N TYR A 60 16.02 5.35 -7.14
CA TYR A 60 17.48 5.13 -7.32
C TYR A 60 17.88 3.67 -7.37
N LEU A 61 17.06 2.82 -8.00
CA LEU A 61 17.47 1.44 -8.20
C LEU A 61 18.84 1.34 -8.90
N TYR A 62 19.13 2.21 -9.87
CA TYR A 62 20.43 2.12 -10.58
C TYR A 62 21.67 2.58 -9.76
N ASN A 63 21.48 3.27 -8.63
CA ASN A 63 22.60 3.49 -7.68
C ASN A 63 23.07 2.21 -7.06
N LEU A 64 22.28 1.13 -7.13
CA LEU A 64 22.71 -0.17 -6.69
C LEU A 64 23.75 -0.80 -7.65
N LEU A 65 23.82 -0.33 -8.89
CA LEU A 65 24.79 -0.85 -9.85
C LEU A 65 26.11 -0.13 -9.69
N SER A 66 27.18 -0.78 -10.12
CA SER A 66 28.47 -0.06 -10.28
C SER A 66 29.14 -0.56 -11.56
N ALA A 67 29.93 0.32 -12.18
CA ALA A 67 30.68 0.00 -13.41
C ALA A 67 31.71 -1.05 -13.06
N LYS A 68 31.68 -2.16 -13.78
CA LYS A 68 32.84 -3.03 -13.91
C LYS A 68 33.48 -2.63 -15.24
N GLY A 69 34.63 -1.93 -15.18
CA GLY A 69 35.41 -1.52 -16.36
C GLY A 69 35.21 -2.50 -17.51
N GLY A 70 34.71 -1.98 -18.63
CA GLY A 70 34.29 -2.81 -19.76
C GLY A 70 32.97 -2.27 -20.28
N ALA A 71 32.16 -3.15 -20.85
CA ALA A 71 30.77 -2.84 -21.25
C ALA A 71 29.85 -2.60 -20.03
N GLY A 72 30.00 -3.47 -19.03
CA GLY A 72 28.95 -3.79 -18.09
C GLY A 72 29.13 -3.40 -16.65
N TYR A 73 28.34 -4.04 -15.80
CA TYR A 73 28.09 -3.55 -14.46
C TYR A 73 28.16 -4.68 -13.49
N ASP A 74 28.40 -4.35 -12.24
CA ASP A 74 28.18 -5.32 -11.17
C ASP A 74 26.67 -5.21 -10.80
N TRP A 75 25.89 -6.27 -11.10
CA TRP A 75 24.45 -6.31 -10.88
C TRP A 75 24.06 -6.91 -9.51
N SER A 76 25.03 -7.30 -8.69
CA SER A 76 24.71 -8.18 -7.57
C SER A 76 23.80 -7.51 -6.50
N LEU A 77 23.93 -6.21 -6.26
CA LEU A 77 23.04 -5.51 -5.32
C LEU A 77 21.63 -5.33 -5.87
N LEU A 78 21.52 -5.01 -7.16
CA LEU A 78 20.23 -4.90 -7.81
C LEU A 78 19.51 -6.23 -7.84
N ASP A 79 20.23 -7.31 -8.08
CA ASP A 79 19.68 -8.66 -8.01
C ASP A 79 19.06 -8.96 -6.64
N ARG A 80 19.76 -8.64 -5.57
CA ARG A 80 19.25 -8.86 -4.24
C ARG A 80 18.01 -8.03 -3.97
N ALA A 81 17.99 -6.80 -4.44
CA ALA A 81 16.91 -5.87 -4.21
C ALA A 81 15.63 -6.30 -4.96
N LEU A 82 15.76 -6.65 -6.23
CA LEU A 82 14.64 -7.18 -6.98
C LEU A 82 14.20 -8.54 -6.49
N ASP A 83 15.16 -9.40 -6.11
CA ASP A 83 14.78 -10.73 -5.64
C ASP A 83 13.90 -10.65 -4.38
N VAL A 84 14.20 -9.74 -3.45
CA VAL A 84 13.33 -9.63 -2.26
C VAL A 84 11.93 -9.19 -2.59
N MET A 85 11.76 -8.29 -3.57
CA MET A 85 10.42 -7.93 -4.00
C MET A 85 9.67 -9.13 -4.56
N ILE A 86 10.26 -9.81 -5.55
CA ILE A 86 9.65 -10.97 -6.23
C ILE A 86 9.28 -12.09 -5.25
N GLU A 87 10.17 -12.38 -4.33
CA GLU A 87 9.95 -13.36 -3.29
C GLU A 87 8.75 -13.02 -2.37
N HIS A 88 8.40 -11.74 -2.19
CA HIS A 88 7.22 -11.36 -1.39
C HIS A 88 6.00 -10.96 -2.24
N ARG A 89 5.98 -11.42 -3.50
CA ARG A 89 4.89 -11.19 -4.42
C ARG A 89 4.64 -9.73 -4.66
N LEU A 90 5.71 -8.96 -4.79
CA LEU A 90 5.64 -7.56 -5.11
C LEU A 90 6.31 -7.36 -6.46
N LYS A 91 5.85 -6.35 -7.19
CA LYS A 91 6.40 -5.98 -8.48
C LYS A 91 6.97 -4.60 -8.43
N PRO A 92 8.07 -4.36 -9.15
CA PRO A 92 8.54 -2.99 -9.17
C PRO A 92 7.74 -2.07 -10.10
N PHE A 93 7.45 -0.88 -9.58
CA PHE A 93 7.06 0.26 -10.39
C PHE A 93 8.42 0.94 -10.56
N PHE A 94 9.09 0.54 -11.66
CA PHE A 94 10.55 0.63 -11.83
C PHE A 94 10.88 1.98 -12.43
N GLU A 95 11.37 2.89 -11.61
CA GLU A 95 11.84 4.17 -12.09
C GLU A 95 13.23 3.95 -12.65
N LEU A 96 13.41 4.36 -13.90
CA LEU A 96 14.70 4.20 -14.58
C LEU A 96 15.60 5.37 -14.13
N MET A 97 16.24 5.18 -12.99
CA MET A 97 16.72 6.27 -12.20
C MET A 97 17.90 5.85 -11.37
N GLY A 98 18.85 6.76 -11.26
CA GLY A 98 20.11 6.54 -10.57
C GLY A 98 21.25 6.65 -11.56
N ASN A 99 22.48 6.51 -11.07
CA ASN A 99 23.66 6.84 -11.88
C ASN A 99 24.81 5.93 -11.48
N PRO A 100 24.91 4.78 -12.13
CA PRO A 100 25.89 3.81 -11.67
C PRO A 100 27.34 4.33 -11.74
N SER A 101 28.02 4.33 -10.59
CA SER A 101 29.37 4.85 -10.43
C SER A 101 29.52 6.29 -10.94
N GLY A 102 28.48 7.13 -10.80
CA GLY A 102 28.51 8.49 -11.38
C GLY A 102 28.82 8.62 -12.87
N LEU A 103 28.69 7.56 -13.65
CA LEU A 103 29.09 7.57 -15.06
C LEU A 103 28.36 8.53 -15.96
N PHE A 104 27.12 8.86 -15.65
CA PHE A 104 26.31 9.71 -16.53
C PHE A 104 26.45 11.16 -16.08
N THR A 105 26.91 12.03 -16.97
CA THR A 105 27.12 13.47 -16.67
C THR A 105 26.47 14.47 -17.63
N ASP A 106 25.88 13.99 -18.74
CA ASP A 106 25.43 14.87 -19.82
C ASP A 106 24.52 14.11 -20.79
N TYR A 107 23.22 14.38 -20.70
CA TYR A 107 22.25 13.67 -21.55
C TYR A 107 22.07 14.30 -22.93
N GLU A 108 22.82 15.37 -23.20
CA GLU A 108 22.94 15.94 -24.55
C GLU A 108 24.09 15.31 -25.32
N ASP A 109 25.03 14.68 -24.61
CA ASP A 109 26.06 13.89 -25.23
C ASP A 109 25.45 12.58 -25.71
N MET A 110 25.35 12.42 -27.03
CA MET A 110 24.70 11.25 -27.61
C MET A 110 25.38 9.89 -27.38
N ASP A 111 26.66 9.88 -26.99
CA ASP A 111 27.28 8.61 -26.60
C ASP A 111 26.77 8.14 -25.24
N GLN A 112 26.54 9.09 -24.35
CA GLN A 112 25.94 8.80 -23.06
C GLN A 112 24.47 8.38 -23.20
N VAL A 113 23.73 9.09 -24.04
CA VAL A 113 22.34 8.76 -24.36
C VAL A 113 22.26 7.31 -24.81
N ARG A 114 23.15 6.92 -25.72
CA ARG A 114 23.23 5.54 -26.22
C ARG A 114 23.67 4.50 -25.16
N ARG A 115 24.57 4.90 -24.29
CA ARG A 115 25.01 4.10 -23.16
C ARG A 115 23.82 3.85 -22.15
N TRP A 116 23.01 4.88 -21.90
CA TRP A 116 21.80 4.79 -21.08
C TRP A 116 20.80 3.83 -21.70
N ARG A 117 20.52 3.99 -23.00
CA ARG A 117 19.71 3.04 -23.76
C ARG A 117 20.19 1.60 -23.52
N ASP A 118 21.51 1.43 -23.59
CA ASP A 118 22.07 0.09 -23.45
C ASP A 118 21.92 -0.45 -22.04
N LEU A 119 22.04 0.42 -21.03
CA LEU A 119 21.78 0.04 -19.63
C LEU A 119 20.32 -0.48 -19.44
N VAL A 120 19.36 0.23 -20.01
CA VAL A 120 17.96 -0.14 -19.93
C VAL A 120 17.75 -1.50 -20.61
N THR A 121 18.31 -1.63 -21.80
CA THR A 121 18.25 -2.90 -22.54
C THR A 121 18.86 -4.02 -21.73
N ALA A 122 20.05 -3.81 -21.18
CA ALA A 122 20.71 -4.84 -20.38
C ALA A 122 19.87 -5.26 -19.11
N THR A 123 19.17 -4.29 -18.54
CA THR A 123 18.32 -4.51 -17.36
C THR A 123 17.20 -5.46 -17.70
N VAL A 124 16.49 -5.12 -18.77
CA VAL A 124 15.39 -5.89 -19.24
C VAL A 124 15.83 -7.28 -19.69
N ASP A 125 16.96 -7.33 -20.38
CA ASP A 125 17.54 -8.61 -20.75
C ASP A 125 17.89 -9.49 -19.55
N ARG A 126 18.55 -8.94 -18.56
CA ARG A 126 18.91 -9.71 -17.40
C ARG A 126 17.69 -10.21 -16.58
N TYR A 127 16.72 -9.34 -16.32
CA TYR A 127 15.67 -9.69 -15.36
C TYR A 127 14.60 -10.52 -16.05
N GLY A 128 14.45 -10.31 -17.36
CA GLY A 128 13.61 -11.19 -18.19
C GLY A 128 14.13 -12.62 -18.19
N ALA A 129 15.45 -12.78 -18.26
CA ALA A 129 16.08 -14.10 -18.12
C ALA A 129 15.97 -14.66 -16.71
N ARG A 130 16.19 -13.81 -15.70
CA ARG A 130 16.24 -14.28 -14.31
C ARG A 130 14.87 -14.70 -13.80
N TYR A 131 13.84 -13.93 -14.12
CA TYR A 131 12.49 -14.17 -13.61
C TYR A 131 11.49 -14.69 -14.63
N GLY A 132 11.82 -14.66 -15.91
CA GLY A 132 10.83 -14.95 -16.97
C GLY A 132 10.26 -13.67 -17.52
N MET A 133 10.02 -13.68 -18.83
CA MET A 133 9.47 -12.51 -19.50
C MET A 133 7.99 -12.27 -19.10
N ASP A 134 7.24 -13.29 -18.75
CA ASP A 134 5.91 -13.09 -18.19
C ASP A 134 6.00 -12.16 -16.93
N GLU A 135 6.96 -12.41 -16.03
CA GLU A 135 7.15 -11.56 -14.84
C GLU A 135 7.46 -10.14 -15.24
N LEU A 136 8.42 -9.96 -16.15
CA LEU A 136 8.79 -8.61 -16.60
C LEU A 136 7.63 -7.77 -17.16
N ARG A 137 6.81 -8.45 -17.93
CA ARG A 137 5.70 -7.81 -18.57
C ARG A 137 4.62 -7.38 -17.58
N THR A 138 4.64 -7.86 -16.33
CA THR A 138 3.71 -7.38 -15.30
C THR A 138 4.23 -6.10 -14.60
N TRP A 139 5.44 -5.64 -14.95
CA TRP A 139 6.03 -4.46 -14.33
C TRP A 139 5.60 -3.22 -15.08
N TYR A 140 5.79 -2.04 -14.47
CA TYR A 140 5.68 -0.75 -15.17
C TYR A 140 7.01 -0.05 -15.02
N PHE A 141 7.46 0.61 -16.09
CA PHE A 141 8.69 1.38 -16.08
C PHE A 141 8.33 2.83 -16.18
N GLU A 142 9.08 3.65 -15.47
CA GLU A 142 8.82 5.08 -15.37
C GLU A 142 10.08 5.88 -15.53
N THR A 143 9.92 7.10 -16.00
CA THR A 143 11.02 8.08 -15.95
C THR A 143 11.43 8.38 -14.51
N THR A 144 12.65 8.89 -14.45
CA THR A 144 13.35 9.28 -13.26
C THR A 144 12.52 10.32 -12.61
N ASN A 145 12.55 10.24 -11.31
CA ASN A 145 11.66 10.97 -10.47
C ASN A 145 11.88 12.49 -10.64
N GLN A 146 10.81 13.23 -10.32
CA GLN A 146 10.74 14.64 -10.51
C GLN A 146 11.39 14.89 -11.87
N ALA A 147 12.61 15.38 -11.84
CA ALA A 147 13.17 16.16 -12.93
C ALA A 147 12.77 17.66 -12.96
N ASP A 148 11.72 18.04 -12.23
CA ASP A 148 11.36 19.44 -12.02
C ASP A 148 11.56 19.78 -10.52
N SER A 149 12.78 19.53 -10.03
CA SER A 149 13.25 19.90 -8.69
C SER A 149 14.81 20.03 -8.67
N GLY A 150 15.52 18.91 -8.49
CA GLY A 150 16.99 18.86 -8.57
C GLY A 150 17.45 17.91 -9.66
N TRP A 151 16.91 18.04 -10.88
CA TRP A 151 17.32 17.24 -12.08
C TRP A 151 18.69 17.71 -12.50
N TRP A 152 19.70 17.03 -11.92
CA TRP A 152 21.14 17.40 -11.89
C TRP A 152 21.53 18.67 -12.62
N THR A 153 21.31 18.69 -13.92
CA THR A 153 21.20 19.93 -14.69
C THR A 153 20.45 19.49 -15.95
N TYR A 154 21.21 18.85 -16.86
CA TYR A 154 20.80 18.24 -18.13
C TYR A 154 19.82 19.02 -19.05
N GLY A 155 18.82 19.69 -18.46
CA GLY A 155 17.93 20.59 -19.21
C GLY A 155 16.76 19.84 -19.83
N ILE A 156 15.87 20.59 -20.46
CA ILE A 156 14.71 20.04 -21.15
C ILE A 156 15.16 19.06 -22.22
N LYS A 157 16.21 19.41 -22.95
CA LYS A 157 16.65 18.59 -24.07
C LYS A 157 17.29 17.30 -23.57
N GLY A 158 18.14 17.42 -22.54
CA GLY A 158 18.70 16.26 -21.84
C GLY A 158 17.61 15.27 -21.42
N TYR A 159 16.55 15.81 -20.80
CA TYR A 159 15.42 15.04 -20.28
C TYR A 159 14.72 14.29 -21.39
N THR A 160 14.44 15.00 -22.46
CA THR A 160 13.74 14.46 -23.59
C THR A 160 14.57 13.38 -24.33
N ASN A 161 15.90 13.52 -24.34
CA ASN A 161 16.80 12.48 -24.89
C ASN A 161 16.87 11.24 -23.96
N TYR A 162 16.94 11.52 -22.67
CA TYR A 162 16.83 10.49 -21.63
C TYR A 162 15.56 9.63 -21.79
N TYR A 163 14.41 10.28 -22.00
CA TYR A 163 13.14 9.58 -22.28
C TYR A 163 13.26 8.67 -23.52
N ASP A 164 13.80 9.26 -24.59
CA ASP A 164 14.06 8.54 -25.85
C ASP A 164 14.88 7.30 -25.64
N ALA A 165 15.90 7.41 -24.81
CA ALA A 165 16.84 6.32 -24.50
C ALA A 165 16.16 5.22 -23.69
N CYS A 166 15.39 5.64 -22.67
CA CYS A 166 14.53 4.68 -21.92
C CYS A 166 13.65 3.88 -22.88
N VAL A 167 12.92 4.56 -23.76
CA VAL A 167 11.98 3.90 -24.67
C VAL A 167 12.71 3.01 -25.66
N ALA A 168 13.79 3.53 -26.27
CA ALA A 168 14.58 2.67 -27.21
C ALA A 168 15.19 1.48 -26.46
N GLY A 169 15.61 1.72 -25.22
CA GLY A 169 16.20 0.64 -24.40
C GLY A 169 15.24 -0.51 -24.13
N LEU A 170 13.99 -0.17 -23.84
CA LEU A 170 12.98 -1.21 -23.64
C LEU A 170 12.61 -1.85 -24.99
N ASP A 171 12.43 -1.01 -26.01
CA ASP A 171 12.03 -1.52 -27.35
C ASP A 171 13.03 -2.54 -27.94
N ALA A 172 14.32 -2.40 -27.63
CA ALA A 172 15.31 -3.41 -28.11
C ALA A 172 14.96 -4.83 -27.68
N ILE A 173 14.33 -5.02 -26.54
CA ILE A 173 13.96 -6.36 -26.10
C ILE A 173 12.47 -6.56 -26.25
N ASP A 174 11.64 -5.57 -25.86
CA ASP A 174 10.18 -5.83 -25.82
C ASP A 174 9.37 -4.54 -25.74
N PRO A 175 8.78 -4.11 -26.88
CA PRO A 175 8.03 -2.86 -26.89
C PRO A 175 6.72 -2.87 -26.10
N SER A 176 6.25 -4.04 -25.69
CA SER A 176 5.11 -4.10 -24.83
C SER A 176 5.45 -3.86 -23.32
N LEU A 177 6.72 -3.63 -22.95
CA LEU A 177 7.02 -3.25 -21.57
C LEU A 177 6.53 -1.81 -21.38
N PRO A 178 5.57 -1.60 -20.47
CA PRO A 178 5.01 -0.23 -20.43
C PRO A 178 5.99 0.84 -19.92
N MET A 179 5.96 2.00 -20.58
CA MET A 179 6.81 3.11 -20.25
C MET A 179 5.97 4.35 -20.08
N GLY A 180 6.31 5.16 -19.10
CA GLY A 180 5.57 6.39 -18.88
C GLY A 180 6.32 7.38 -18.04
N GLY A 181 5.67 8.51 -17.80
CA GLY A 181 6.30 9.60 -17.11
C GLY A 181 5.46 10.83 -17.22
N PRO A 182 5.98 11.98 -16.84
CA PRO A 182 7.34 12.19 -16.33
C PRO A 182 7.54 12.06 -14.81
N GLY A 183 6.50 11.73 -14.05
CA GLY A 183 6.62 11.72 -12.58
C GLY A 183 7.05 13.06 -11.97
N THR A 184 6.46 14.13 -12.47
CA THR A 184 6.79 15.49 -12.05
C THR A 184 6.07 15.89 -10.75
N ALA A 185 6.73 16.75 -9.97
CA ALA A 185 6.23 17.13 -8.65
C ALA A 185 5.32 18.36 -8.67
N ARG A 186 5.50 19.25 -9.64
CA ARG A 186 4.73 20.47 -9.71
C ARG A 186 3.80 20.50 -10.89
N THR A 187 2.58 20.94 -10.61
CA THR A 187 1.50 20.89 -11.56
C THR A 187 1.86 21.72 -12.82
N LEU A 188 1.86 21.06 -13.97
CA LEU A 188 2.13 21.69 -15.24
C LEU A 188 3.50 22.37 -15.30
N SER A 189 4.50 21.76 -14.66
CA SER A 189 5.87 22.28 -14.73
C SER A 189 6.43 22.26 -16.16
N PRO A 190 7.56 22.97 -16.37
CA PRO A 190 8.21 23.00 -17.66
C PRO A 190 8.57 21.64 -18.21
N ILE A 191 9.20 20.81 -17.36
CA ILE A 191 9.49 19.44 -17.73
C ILE A 191 8.22 18.68 -18.17
N PHE A 192 7.13 18.85 -17.44
CA PHE A 192 5.91 18.13 -17.78
C PHE A 192 5.44 18.56 -19.15
N ARG A 193 5.29 19.86 -19.34
CA ARG A 193 4.82 20.39 -20.63
C ARG A 193 5.72 19.99 -21.76
N ALA A 194 7.01 20.03 -21.51
CA ALA A 194 7.99 19.63 -22.52
C ALA A 194 7.87 18.17 -22.91
N LEU A 195 7.63 17.26 -21.96
CA LEU A 195 7.60 15.84 -22.32
C LEU A 195 6.34 15.53 -23.12
N MET A 196 5.26 16.18 -22.75
CA MET A 196 4.00 16.02 -23.44
C MET A 196 4.12 16.51 -24.89
N ALA A 197 4.72 17.69 -25.09
CA ALA A 197 5.01 18.20 -26.45
C ALA A 197 5.88 17.21 -27.21
N HIS A 198 6.96 16.77 -26.59
CA HIS A 198 7.85 15.76 -27.20
C HIS A 198 7.17 14.48 -27.59
N CYS A 199 6.29 13.96 -26.73
CA CYS A 199 5.59 12.69 -27.02
C CYS A 199 4.41 12.86 -27.98
N ASP A 200 3.90 14.07 -28.11
CA ASP A 200 2.79 14.35 -29.01
C ASP A 200 3.24 14.57 -30.49
N SER A 201 3.85 15.71 -30.79
CA SER A 201 4.57 15.94 -32.03
C SER A 201 5.97 15.59 -31.53
N GLY A 202 7.04 16.03 -32.14
CA GLY A 202 8.34 15.72 -31.53
C GLY A 202 8.87 14.40 -32.06
N THR A 203 10.19 14.25 -32.10
CA THR A 203 10.80 13.07 -32.71
C THR A 203 11.97 12.56 -31.87
N SER A 204 12.09 11.26 -31.79
CA SER A 204 13.12 10.64 -30.97
C SER A 204 14.49 10.95 -31.55
N CYS A 205 15.42 11.31 -30.69
CA CYS A 205 16.80 11.53 -31.09
C CYS A 205 17.58 10.25 -31.41
N LEU A 206 16.98 9.07 -31.25
CA LEU A 206 17.69 7.80 -31.50
C LEU A 206 17.20 7.01 -32.71
N THR A 207 15.88 6.98 -32.88
CA THR A 207 15.29 6.67 -34.16
C THR A 207 15.42 8.05 -34.80
N GLY A 208 14.67 8.37 -35.84
CA GLY A 208 14.55 9.80 -36.20
C GLY A 208 13.16 10.05 -36.71
N ASP A 209 12.24 9.27 -36.17
CA ASP A 209 11.11 8.80 -36.91
C ASP A 209 9.92 8.79 -35.98
N GLY A 210 9.41 9.98 -35.70
CA GLY A 210 8.23 10.10 -34.86
C GLY A 210 8.56 10.09 -33.38
N PRO A 211 7.56 10.44 -32.56
CA PRO A 211 7.79 10.60 -31.13
C PRO A 211 7.98 9.26 -30.41
N PRO A 212 8.78 9.24 -29.33
CA PRO A 212 8.82 8.02 -28.51
C PRO A 212 7.45 7.73 -27.89
N ARG A 213 7.13 6.46 -27.75
CA ARG A 213 5.85 6.05 -27.18
C ARG A 213 5.72 6.49 -25.71
N ILE A 214 4.47 6.65 -25.28
CA ILE A 214 4.15 6.87 -23.88
C ILE A 214 2.86 6.10 -23.60
N ASP A 215 2.93 5.20 -22.63
CA ASP A 215 1.81 4.32 -22.31
C ASP A 215 0.97 4.86 -21.17
N TYR A 216 1.48 5.82 -20.40
CA TYR A 216 0.70 6.44 -19.30
C TYR A 216 1.36 7.75 -18.91
N ILE A 217 0.56 8.63 -18.33
CA ILE A 217 1.04 9.90 -17.85
C ILE A 217 1.05 9.90 -16.32
N SER A 218 2.20 10.19 -15.72
CA SER A 218 2.33 10.19 -14.28
C SER A 218 2.74 11.54 -13.73
N ILE A 219 2.09 11.93 -12.63
CA ILE A 219 2.43 13.10 -11.85
C ILE A 219 2.36 12.77 -10.35
N HIS A 220 2.96 13.60 -9.49
CA HIS A 220 2.67 13.57 -8.06
C HIS A 220 1.78 14.76 -7.71
N GLU A 221 0.75 14.49 -6.96
CA GLU A 221 -0.11 15.52 -6.40
C GLU A 221 -0.43 15.12 -4.96
N LYS A 222 -0.11 16.00 -4.04
CA LYS A 222 -0.22 15.79 -2.62
C LYS A 222 -1.13 16.79 -1.97
N GLY A 223 -1.60 16.45 -0.78
CA GLY A 223 -2.66 17.23 -0.15
C GLY A 223 -2.30 18.61 0.37
N VAL A 224 -1.08 18.77 0.83
CA VAL A 224 -0.66 20.06 1.40
C VAL A 224 0.87 20.07 1.48
N ASN A 225 1.39 21.29 1.47
CA ASN A 225 2.78 21.57 1.50
C ASN A 225 3.49 21.03 2.75
N GLY A 226 4.78 20.76 2.60
CA GLY A 226 5.67 20.36 3.68
C GLY A 226 5.79 21.46 4.70
N SER A 227 5.80 21.13 6.00
CA SER A 227 5.97 22.12 7.05
C SER A 227 6.26 21.41 8.36
N LYS A 228 6.83 22.13 9.31
CA LYS A 228 6.88 21.68 10.70
C LYS A 228 5.56 21.88 11.39
N GLU A 229 4.73 22.75 10.84
CA GLU A 229 3.37 22.95 11.36
C GLU A 229 2.46 21.87 10.81
N ASP A 230 1.44 21.52 11.57
CA ASP A 230 0.38 20.63 11.09
C ASP A 230 -0.62 21.31 10.18
N LEU A 231 -0.17 21.63 8.99
CA LEU A 231 -1.04 22.18 8.00
C LEU A 231 -2.08 21.10 7.62
N THR A 232 -3.22 21.58 7.15
CA THR A 232 -4.40 20.75 6.91
C THR A 232 -4.39 20.21 5.46
N PRO A 233 -4.31 18.90 5.26
CA PRO A 233 -4.46 18.39 3.86
C PRO A 233 -5.72 18.91 3.14
N LYS A 234 -5.61 19.31 1.88
CA LYS A 234 -6.75 19.70 1.03
C LYS A 234 -6.99 18.56 0.02
N THR A 235 -7.75 17.56 0.40
CA THR A 235 -7.79 16.32 -0.37
C THR A 235 -8.48 16.53 -1.72
N ASN A 236 -9.61 17.24 -1.74
CA ASN A 236 -10.30 17.50 -3.01
C ASN A 236 -9.44 18.26 -4.02
N ALA A 237 -8.46 19.04 -3.56
CA ALA A 237 -7.61 19.76 -4.50
C ALA A 237 -6.64 18.84 -5.25
N ILE A 238 -6.37 17.68 -4.68
CA ILE A 238 -5.57 16.69 -5.39
C ILE A 238 -6.29 16.30 -6.68
N VAL A 239 -7.57 15.97 -6.56
CA VAL A 239 -8.41 15.67 -7.71
C VAL A 239 -8.57 16.92 -8.62
N ASP A 240 -8.72 18.11 -8.05
CA ASP A 240 -8.83 19.33 -8.86
C ASP A 240 -7.59 19.53 -9.72
N ARG A 241 -6.41 19.40 -9.12
CA ARG A 241 -5.21 19.61 -9.91
C ARG A 241 -5.00 18.52 -10.95
N THR A 242 -5.41 17.28 -10.66
CA THR A 242 -5.32 16.19 -11.63
C THR A 242 -6.22 16.47 -12.86
N LEU A 243 -7.42 16.95 -12.60
CA LEU A 243 -8.35 17.29 -13.66
C LEU A 243 -7.90 18.52 -14.46
N LEU A 244 -7.20 19.45 -13.81
CA LEU A 244 -6.58 20.58 -14.49
C LEU A 244 -5.55 20.08 -15.48
N VAL A 245 -4.77 19.10 -15.07
CA VAL A 245 -3.73 18.52 -15.96
C VAL A 245 -4.41 17.84 -17.14
N VAL A 246 -5.43 17.09 -16.85
CA VAL A 246 -6.21 16.46 -17.91
C VAL A 246 -6.78 17.53 -18.88
N ASP A 247 -7.34 18.62 -18.37
CA ASP A 247 -7.82 19.72 -19.22
C ASP A 247 -6.73 20.30 -20.12
N TYR A 248 -5.54 20.46 -19.58
CA TYR A 248 -4.39 20.88 -20.33
C TYR A 248 -4.10 19.92 -21.47
N LEU A 249 -4.17 18.62 -21.21
CA LEU A 249 -3.97 17.65 -22.26
C LEU A 249 -5.09 17.66 -23.31
N LYS A 250 -6.34 17.79 -22.87
CA LYS A 250 -7.45 17.79 -23.81
C LYS A 250 -7.29 18.96 -24.79
N GLU A 251 -6.88 20.13 -24.31
CA GLU A 251 -6.74 21.33 -25.11
C GLU A 251 -5.50 21.28 -26.02
N HIS A 252 -4.35 20.95 -25.44
CA HIS A 252 -3.07 21.02 -26.16
C HIS A 252 -2.55 19.76 -26.79
N HIS A 253 -2.93 18.60 -26.28
CA HIS A 253 -2.40 17.32 -26.77
C HIS A 253 -3.50 16.29 -26.75
N PRO A 254 -4.60 16.54 -27.50
CA PRO A 254 -5.77 15.67 -27.44
C PRO A 254 -5.48 14.19 -27.73
N ARG A 255 -4.45 13.90 -28.51
CA ARG A 255 -4.09 12.50 -28.78
C ARG A 255 -3.61 11.75 -27.53
N LEU A 256 -3.08 12.46 -26.55
CA LEU A 256 -2.62 11.87 -25.29
C LEU A 256 -3.64 11.88 -24.14
N ALA A 257 -4.71 12.66 -24.27
CA ALA A 257 -5.60 12.98 -23.15
C ALA A 257 -6.36 11.79 -22.57
N GLY A 258 -6.60 10.77 -23.40
CA GLY A 258 -7.23 9.52 -23.02
C GLY A 258 -6.30 8.44 -22.44
N LEU A 259 -5.00 8.72 -22.36
CA LEU A 259 -4.06 7.76 -21.79
C LEU A 259 -4.30 7.50 -20.27
N PRO A 260 -3.85 6.35 -19.80
CA PRO A 260 -3.90 6.11 -18.36
C PRO A 260 -3.18 7.23 -17.58
N ILE A 261 -3.85 7.72 -16.55
CA ILE A 261 -3.31 8.78 -15.66
C ILE A 261 -2.94 8.15 -14.34
N VAL A 262 -1.74 8.48 -13.86
CA VAL A 262 -1.21 7.88 -12.65
C VAL A 262 -0.75 9.00 -11.71
N ASN A 263 -1.19 8.98 -10.45
CA ASN A 263 -0.59 9.77 -9.39
C ASN A 263 0.37 8.82 -8.67
N ASP A 264 1.66 8.99 -8.91
CA ASP A 264 2.68 8.05 -8.45
C ASP A 264 3.19 8.35 -7.03
N GLU A 265 2.69 9.41 -6.40
CA GLU A 265 3.04 9.74 -5.03
C GLU A 265 1.96 10.57 -4.41
N CYS A 266 0.93 9.92 -3.92
CA CYS A 266 -0.22 10.65 -3.50
C CYS A 266 -0.28 10.55 -1.97
N ASP A 267 0.27 11.55 -1.28
CA ASP A 267 0.29 11.58 0.17
C ASP A 267 -0.47 12.81 0.67
N PRO A 268 -1.02 12.75 1.87
CA PRO A 268 -1.76 13.91 2.35
C PRO A 268 -0.88 15.12 2.60
N GLN A 269 0.37 14.90 2.99
CA GLN A 269 1.29 16.02 3.19
C GLN A 269 2.70 15.68 2.71
N LEU A 270 3.28 16.62 1.99
CA LEU A 270 4.72 16.56 1.61
C LEU A 270 5.63 16.43 2.82
N GLY A 271 6.79 15.80 2.62
CA GLY A 271 7.85 15.73 3.67
C GLY A 271 7.67 14.60 4.70
N TRP A 272 7.99 13.37 4.29
CA TRP A 272 7.71 12.17 5.08
C TRP A 272 8.30 12.18 6.46
N SER A 273 9.49 12.78 6.57
CA SER A 273 10.22 12.72 7.82
C SER A 273 9.88 13.82 8.83
N ASP A 274 9.07 14.80 8.47
CA ASP A 274 8.56 15.75 9.47
C ASP A 274 7.61 15.03 10.44
N HIS A 275 7.46 15.54 11.65
CA HIS A 275 6.63 14.89 12.65
C HIS A 275 5.19 15.43 12.60
N HIS A 276 4.29 14.57 12.12
CA HIS A 276 2.87 14.86 12.10
C HIS A 276 2.22 13.59 12.65
N SER A 277 1.77 13.68 13.90
CA SER A 277 1.33 12.56 14.69
C SER A 277 0.09 11.80 14.19
N TRP A 278 -0.72 12.47 13.40
CA TRP A 278 -1.83 11.86 12.77
C TRP A 278 -1.47 10.67 11.83
N HIS A 279 -0.21 10.58 11.40
CA HIS A 279 0.23 9.39 10.67
C HIS A 279 0.13 8.11 11.50
N GLY A 280 0.12 8.24 12.80
CA GLY A 280 0.01 7.06 13.69
C GLY A 280 -1.37 6.74 14.15
N LYS A 281 -2.34 7.49 13.65
CA LYS A 281 -3.72 7.38 14.16
C LYS A 281 -4.78 7.23 13.08
N ALA A 282 -6.01 7.03 13.51
CA ALA A 282 -7.07 6.72 12.58
C ALA A 282 -7.31 7.82 11.56
N TYR A 283 -6.90 9.06 11.85
CA TYR A 283 -7.03 10.12 10.87
C TYR A 283 -6.41 9.74 9.56
N TYR A 284 -5.24 9.12 9.60
CA TYR A 284 -4.53 8.78 8.39
C TYR A 284 -5.25 7.65 7.63
N ALA A 285 -5.83 6.68 8.34
CA ALA A 285 -6.62 5.66 7.66
C ALA A 285 -7.78 6.29 6.96
N GLY A 286 -8.48 7.20 7.67
CA GLY A 286 -9.63 7.89 7.11
C GLY A 286 -9.30 8.68 5.86
N ILE A 287 -8.23 9.44 5.96
CA ILE A 287 -7.82 10.33 4.88
C ILE A 287 -7.33 9.59 3.65
N ILE A 288 -6.60 8.50 3.79
CA ILE A 288 -6.26 7.64 2.62
C ILE A 288 -7.53 7.15 1.91
N ALA A 289 -8.51 6.66 2.70
CA ALA A 289 -9.72 6.19 2.12
C ALA A 289 -10.53 7.33 1.46
N ARG A 290 -10.53 8.50 2.11
CA ARG A 290 -11.22 9.64 1.60
C ARG A 290 -10.66 10.10 0.25
N ILE A 291 -9.35 10.17 0.14
CA ILE A 291 -8.68 10.47 -1.13
C ILE A 291 -9.05 9.46 -2.25
N ILE A 292 -9.02 8.19 -1.89
CA ILE A 292 -9.46 7.15 -2.80
C ILE A 292 -10.89 7.33 -3.24
N GLU A 293 -11.80 7.56 -2.28
CA GLU A 293 -13.19 7.68 -2.65
C GLU A 293 -13.46 8.89 -3.56
N GLN A 294 -12.77 10.00 -3.30
CA GLN A 294 -12.87 11.17 -4.14
C GLN A 294 -12.40 10.89 -5.59
N HIS A 295 -11.30 10.18 -5.75
CA HIS A 295 -10.87 9.80 -7.08
C HIS A 295 -11.91 8.89 -7.78
N ASP A 296 -12.47 7.94 -7.04
CA ASP A 296 -13.46 7.06 -7.60
C ASP A 296 -14.74 7.83 -8.03
N ARG A 297 -15.24 8.69 -7.16
CA ARG A 297 -16.48 9.39 -7.40
C ARG A 297 -16.34 10.56 -8.41
N ARG A 298 -15.25 11.29 -8.38
CA ARG A 298 -15.09 12.51 -9.18
C ARG A 298 -14.31 12.31 -10.47
N ILE A 299 -13.48 11.26 -10.56
CA ILE A 299 -12.71 11.04 -11.76
C ILE A 299 -13.21 9.78 -12.53
N ILE A 300 -13.26 8.63 -11.85
CA ILE A 300 -13.47 7.35 -12.50
C ILE A 300 -14.92 7.16 -12.88
N ALA A 301 -15.83 7.33 -11.93
CA ALA A 301 -17.23 7.11 -12.19
C ALA A 301 -17.81 7.95 -13.33
N PRO A 302 -17.58 9.27 -13.36
CA PRO A 302 -18.06 10.07 -14.50
C PRO A 302 -17.16 9.98 -15.71
N LYS A 303 -16.11 9.18 -15.66
CA LYS A 303 -15.16 9.08 -16.74
C LYS A 303 -14.58 10.41 -17.15
N ALA A 304 -14.23 11.26 -16.18
CA ALA A 304 -13.57 12.51 -16.48
C ALA A 304 -12.14 12.29 -16.95
N ALA A 305 -11.58 11.13 -16.67
CA ALA A 305 -10.26 10.81 -17.15
C ALA A 305 -10.04 9.33 -16.97
N ASN A 306 -9.02 8.79 -17.64
CA ASN A 306 -8.71 7.37 -17.51
C ASN A 306 -7.79 7.15 -16.28
N PHE A 307 -8.29 7.44 -15.09
CA PHE A 307 -7.43 7.42 -13.89
C PHE A 307 -7.18 5.97 -13.52
N THR A 308 -5.93 5.56 -13.44
CA THR A 308 -5.57 4.15 -13.38
C THR A 308 -4.82 3.66 -12.14
N PHE A 309 -3.99 4.50 -11.53
CA PHE A 309 -3.20 4.07 -10.39
C PHE A 309 -2.88 5.26 -9.48
N LEU A 310 -2.94 5.01 -8.20
CA LEU A 310 -2.64 6.00 -7.15
C LEU A 310 -1.71 5.28 -6.20
N SER A 311 -0.47 5.74 -6.10
CA SER A 311 0.50 5.10 -5.20
C SER A 311 0.76 6.04 -4.03
N SER A 312 0.75 5.49 -2.85
CA SER A 312 1.19 6.16 -1.64
C SER A 312 2.71 6.08 -1.56
N ASP A 313 3.33 6.95 -0.81
CA ASP A 313 4.79 6.91 -0.69
C ASP A 313 5.17 6.86 0.79
N HIS A 314 4.71 5.78 1.44
CA HIS A 314 4.66 5.69 2.88
C HIS A 314 5.32 4.47 3.47
N ALA A 315 6.24 3.87 2.70
CA ALA A 315 6.99 2.71 3.18
C ALA A 315 8.39 3.05 3.69
N PHE A 316 8.64 4.33 3.92
CA PHE A 316 9.86 4.83 4.56
C PHE A 316 9.90 4.22 5.94
N ILE A 317 11.11 4.12 6.49
CA ILE A 317 11.33 3.57 7.84
C ILE A 317 11.45 4.74 8.82
N GLY A 318 10.72 4.72 9.94
CA GLY A 318 10.76 5.79 10.92
C GLY A 318 9.73 5.61 12.02
N GLY A 319 9.42 6.72 12.69
CA GLY A 319 8.65 6.69 13.93
C GLY A 319 7.15 6.86 13.76
N TRP A 320 6.48 6.93 14.89
CA TRP A 320 5.00 7.05 14.92
C TRP A 320 4.45 8.23 14.13
N SER A 321 5.19 9.34 14.13
CA SER A 321 4.75 10.62 13.62
C SER A 321 5.28 10.88 12.25
N GLN A 322 6.03 9.95 11.69
CA GLN A 322 6.47 10.11 10.31
C GLN A 322 5.55 9.39 9.34
N ARG A 323 5.65 9.67 8.03
CA ARG A 323 4.78 9.04 7.02
C ARG A 323 5.34 7.67 6.67
N THR A 324 5.06 6.78 7.57
CA THR A 324 5.60 5.41 7.54
C THR A 324 4.47 4.48 7.95
N ILE A 325 4.50 3.27 7.40
CA ILE A 325 3.50 2.29 7.68
C ILE A 325 3.86 1.44 8.92
N PHE A 326 5.08 1.56 9.41
CA PHE A 326 5.43 0.94 10.71
C PHE A 326 6.09 1.97 11.59
N ALA A 327 5.90 1.81 12.91
CA ALA A 327 6.71 2.47 13.91
C ALA A 327 7.92 1.57 14.26
N TYR A 328 9.09 2.08 13.98
CA TYR A 328 10.37 1.40 14.19
C TYR A 328 10.82 1.71 15.62
N PHE A 329 11.11 0.67 16.38
CA PHE A 329 11.75 0.75 17.68
C PHE A 329 13.12 0.11 17.54
N GLY A 330 14.14 0.85 17.89
CA GLY A 330 15.54 0.40 17.83
C GLY A 330 16.48 1.62 17.73
N SER A 331 17.76 1.37 17.53
CA SER A 331 18.81 2.40 17.65
C SER A 331 19.14 3.07 16.35
N ARG A 332 18.75 2.52 15.20
CA ARG A 332 19.12 3.13 13.93
C ARG A 332 18.24 4.34 13.62
N ASN A 333 18.73 5.27 12.81
CA ASN A 333 17.94 6.39 12.30
C ASN A 333 18.06 6.44 10.79
N PHE A 334 16.95 6.43 10.07
CA PHE A 334 17.00 6.36 8.62
C PHE A 334 16.69 7.71 7.93
N THR A 335 16.51 8.78 8.70
CA THR A 335 16.31 10.12 8.12
C THR A 335 17.67 10.72 7.70
N ASP A 351 23.03 -11.15 7.96
CA ASP A 351 23.11 -11.63 9.32
C ASP A 351 22.52 -10.58 10.31
N VAL A 352 21.38 -10.93 10.90
CA VAL A 352 20.72 -10.10 11.91
C VAL A 352 21.48 -10.06 13.26
N ASP A 353 22.40 -10.99 13.52
CA ASP A 353 23.28 -10.88 14.71
C ASP A 353 24.33 -9.74 14.63
N ARG A 354 24.55 -9.15 13.44
CA ARG A 354 25.48 -8.00 13.27
C ARG A 354 24.77 -6.68 13.53
N THR A 355 23.64 -6.48 12.84
CA THR A 355 22.94 -5.21 12.84
C THR A 355 22.12 -5.00 14.10
N PRO A 356 21.83 -3.74 14.39
CA PRO A 356 21.06 -3.48 15.60
C PRO A 356 19.69 -4.19 15.60
N PRO A 357 19.30 -4.80 16.72
CA PRO A 357 18.00 -5.43 16.80
C PRO A 357 16.83 -4.38 16.78
N PHE A 358 15.59 -4.82 16.55
CA PHE A 358 14.49 -3.89 16.31
C PHE A 358 13.19 -4.59 16.40
N ASP A 359 12.15 -3.80 16.64
CA ASP A 359 10.77 -4.21 16.53
C ASP A 359 10.06 -3.14 15.70
N ILE A 360 9.13 -3.62 14.87
CA ILE A 360 8.25 -2.75 14.13
C ILE A 360 6.80 -3.08 14.43
N ILE A 361 6.01 -2.01 14.59
CA ILE A 361 4.62 -2.10 14.85
C ILE A 361 3.84 -1.44 13.70
N LYS A 362 2.85 -2.14 13.18
CA LYS A 362 1.94 -1.61 12.13
C LYS A 362 1.15 -0.41 12.50
N LYS A 363 1.09 0.52 11.56
CA LYS A 363 0.38 1.77 11.73
C LYS A 363 -0.81 1.85 10.76
N PRO A 364 -1.66 2.89 10.92
CA PRO A 364 -2.88 3.00 10.12
C PRO A 364 -2.71 3.14 8.64
N GLY A 365 -1.55 3.59 8.17
CA GLY A 365 -1.28 3.65 6.75
C GLY A 365 -1.35 2.26 6.08
N LEU A 366 -1.03 1.20 6.84
CA LEU A 366 -1.03 -0.17 6.34
C LEU A 366 -2.37 -0.83 6.61
N THR A 367 -2.89 -0.67 7.82
CA THR A 367 -4.15 -1.31 8.19
C THR A 367 -5.30 -0.80 7.36
N SER A 368 -5.26 0.48 7.01
CA SER A 368 -6.30 1.01 6.15
C SER A 368 -6.27 0.24 4.80
N MET A 369 -5.08 0.00 4.27
CA MET A 369 -4.93 -0.75 3.02
C MET A 369 -5.30 -2.21 3.12
N GLU A 370 -5.12 -2.81 4.30
CA GLU A 370 -5.66 -4.14 4.58
C GLU A 370 -7.18 -4.22 4.43
N LEU A 371 -7.89 -3.24 4.98
CA LEU A 371 -9.30 -3.17 4.85
C LEU A 371 -9.72 -2.92 3.42
N LEU A 372 -9.14 -1.94 2.80
CA LEU A 372 -9.49 -1.59 1.41
C LEU A 372 -9.20 -2.75 0.41
N ALA A 373 -8.23 -3.60 0.75
CA ALA A 373 -7.83 -4.71 -0.09
C ALA A 373 -8.95 -5.73 -0.24
N THR A 374 -9.89 -5.76 0.73
CA THR A 374 -11.03 -6.69 0.67
C THR A 374 -12.14 -6.31 -0.25
N LEU A 375 -12.06 -5.14 -0.91
CA LEU A 375 -13.14 -4.72 -1.75
C LEU A 375 -13.27 -5.62 -2.99
N GLY A 376 -14.49 -5.67 -3.50
CA GLY A 376 -14.85 -6.47 -4.64
C GLY A 376 -14.61 -5.82 -5.97
N ASP A 377 -15.26 -6.37 -7.02
CA ASP A 377 -14.90 -5.98 -8.40
C ASP A 377 -16.07 -5.28 -9.11
N THR A 378 -17.15 -5.03 -8.38
CA THR A 378 -18.31 -4.39 -8.99
C THR A 378 -18.93 -3.40 -8.00
N VAL A 379 -19.23 -2.19 -8.43
CA VAL A 379 -19.96 -1.23 -7.60
C VAL A 379 -21.45 -1.59 -7.56
N CYS A 380 -22.03 -1.61 -6.38
CA CYS A 380 -23.49 -1.82 -6.19
C CYS A 380 -24.20 -0.51 -5.99
N LYS A 381 -25.48 -0.53 -6.25
CA LYS A 381 -26.33 0.64 -6.04
C LYS A 381 -26.47 0.92 -4.54
N VAL A 382 -26.40 2.17 -4.19
CA VAL A 382 -26.60 2.57 -2.82
C VAL A 382 -27.57 3.73 -2.80
N THR A 383 -28.46 3.73 -1.81
CA THR A 383 -29.33 4.87 -1.52
C THR A 383 -29.17 5.19 -0.04
N ALA A 384 -29.12 6.45 0.30
CA ALA A 384 -28.98 6.87 1.67
C ALA A 384 -30.03 7.95 1.98
N GLU A 385 -30.54 7.94 3.19
CA GLU A 385 -31.42 9.00 3.63
C GLU A 385 -30.91 9.46 4.99
N PRO A 386 -30.53 10.73 5.12
CA PRO A 386 -30.41 11.69 4.04
C PRO A 386 -29.34 11.28 3.05
N PRO A 387 -29.41 11.83 1.82
CA PRO A 387 -28.38 11.50 0.85
C PRO A 387 -26.98 11.82 1.34
N LEU A 388 -26.04 11.00 0.94
CA LEU A 388 -24.65 11.18 1.35
C LEU A 388 -24.13 12.44 0.64
N ASP A 389 -23.29 13.18 1.33
CA ASP A 389 -22.61 14.34 0.74
C ASP A 389 -21.19 14.42 1.28
N PRO A 390 -20.32 13.51 0.81
CA PRO A 390 -19.01 13.33 1.43
C PRO A 390 -18.13 14.54 1.39
N ASP A 391 -18.20 15.31 0.31
CA ASP A 391 -17.38 16.54 0.23
C ASP A 391 -17.77 17.59 1.27
N GLN A 392 -19.00 17.59 1.76
CA GLN A 392 -19.45 18.49 2.82
C GLN A 392 -19.35 17.90 4.20
N ASP A 393 -19.83 16.69 4.46
CA ASP A 393 -19.82 16.23 5.86
C ASP A 393 -18.92 15.03 6.19
N GLY A 394 -18.18 14.51 5.24
CA GLY A 394 -17.21 13.51 5.56
C GLY A 394 -17.61 12.05 5.59
N LEU A 395 -18.91 11.76 5.45
CA LEU A 395 -19.37 10.36 5.38
C LEU A 395 -19.44 9.89 3.93
N ALA A 396 -18.59 8.91 3.61
CA ALA A 396 -18.44 8.39 2.24
C ALA A 396 -18.49 6.87 2.26
N ILE A 397 -18.79 6.30 1.10
CA ILE A 397 -18.95 4.86 0.99
C ILE A 397 -18.33 4.27 -0.29
N LEU A 398 -17.73 3.08 -0.22
CA LEU A 398 -17.31 2.29 -1.41
C LEU A 398 -18.05 0.95 -1.28
N PRO A 399 -19.17 0.80 -2.02
CA PRO A 399 -20.02 -0.35 -1.87
C PRO A 399 -19.80 -1.30 -3.01
N THR A 400 -19.25 -2.48 -2.73
CA THR A 400 -18.86 -3.43 -3.77
C THR A 400 -19.48 -4.80 -3.57
N ARG A 401 -19.69 -5.49 -4.68
CA ARG A 401 -20.08 -6.92 -4.71
C ARG A 401 -18.83 -7.76 -4.91
N LEU A 402 -18.73 -8.83 -4.15
CA LEU A 402 -17.63 -9.79 -4.26
C LEU A 402 -17.93 -10.89 -5.33
N PRO A 403 -16.91 -11.36 -6.02
CA PRO A 403 -17.07 -12.61 -6.80
C PRO A 403 -17.58 -13.71 -5.95
N GLY A 404 -18.61 -14.40 -6.41
CA GLY A 404 -19.16 -15.49 -5.65
C GLY A 404 -20.34 -15.05 -4.80
N GLY A 405 -20.65 -13.76 -4.78
CA GLY A 405 -21.78 -13.21 -4.06
C GLY A 405 -21.33 -12.52 -2.78
N GLY A 406 -22.20 -11.69 -2.27
CA GLY A 406 -21.89 -11.03 -0.99
C GLY A 406 -21.26 -9.69 -1.28
N VAL A 407 -21.01 -8.91 -0.21
CA VAL A 407 -20.55 -7.55 -0.39
C VAL A 407 -19.36 -7.25 0.50
N SER A 408 -18.57 -6.28 0.06
CA SER A 408 -17.55 -5.65 0.84
C SER A 408 -17.78 -4.16 0.70
N ILE A 409 -17.98 -3.52 1.83
CA ILE A 409 -18.29 -2.10 1.90
C ILE A 409 -17.30 -1.37 2.81
N SER A 410 -16.63 -0.35 2.28
CA SER A 410 -15.84 0.56 3.08
C SER A 410 -16.74 1.73 3.48
N LEU A 411 -16.93 1.95 4.78
CA LEU A 411 -17.64 3.14 5.29
C LEU A 411 -16.58 4.09 5.91
N ILE A 412 -16.45 5.28 5.33
CA ILE A 412 -15.36 6.20 5.60
C ILE A 412 -15.94 7.43 6.32
N HIS A 413 -15.44 7.80 7.50
CA HIS A 413 -15.88 9.05 8.16
C HIS A 413 -14.62 9.85 8.38
N SER A 414 -14.40 10.80 7.50
CA SER A 414 -13.16 11.51 7.42
C SER A 414 -13.40 12.91 6.85
N VAL A 415 -12.83 13.91 7.53
CA VAL A 415 -12.73 15.28 6.99
C VAL A 415 -11.25 15.71 6.96
N ASP A 416 -10.96 16.74 6.19
CA ASP A 416 -9.61 17.26 6.06
C ASP A 416 -9.05 17.73 7.39
N ALA A 417 -9.88 18.39 8.19
CA ALA A 417 -9.39 18.92 9.46
C ALA A 417 -9.02 17.80 10.44
N ILE A 418 -7.82 17.96 10.98
CA ILE A 418 -7.18 16.94 11.84
C ILE A 418 -7.78 16.91 13.25
N ASN A 419 -8.15 18.07 13.73
CA ASN A 419 -8.57 18.39 15.07
CA ASN A 419 -8.59 18.15 15.13
C ASN A 419 -10.10 18.28 15.23
N ARG A 420 -10.81 17.56 14.36
CA ARG A 420 -12.27 17.41 14.46
C ARG A 420 -12.59 15.99 14.89
N SER A 421 -13.53 15.88 15.81
CA SER A 421 -13.99 14.63 16.42
C SER A 421 -15.51 14.62 16.30
N GLY A 422 -16.14 13.58 16.79
CA GLY A 422 -17.59 13.44 16.74
C GLY A 422 -17.96 11.99 16.33
N ARG A 423 -19.23 11.77 16.05
CA ARG A 423 -19.74 10.48 15.64
C ARG A 423 -21.10 10.65 15.02
N THR A 424 -21.43 9.79 14.06
CA THR A 424 -22.79 9.70 13.55
C THR A 424 -23.26 8.26 13.70
N ALA A 425 -24.55 8.09 13.54
CA ALA A 425 -25.19 6.79 13.55
C ALA A 425 -25.53 6.39 12.12
N VAL A 426 -25.22 5.13 11.77
CA VAL A 426 -25.60 4.58 10.50
C VAL A 426 -26.36 3.27 10.72
N ARG A 427 -27.51 3.16 10.06
CA ARG A 427 -28.21 1.88 9.96
C ARG A 427 -27.91 1.41 8.55
N LEU A 428 -27.17 0.31 8.46
CA LEU A 428 -26.74 -0.21 7.18
C LEU A 428 -27.59 -1.42 6.85
N GLU A 429 -28.22 -1.38 5.70
CA GLU A 429 -29.04 -2.47 5.17
C GLU A 429 -28.40 -2.96 3.88
N VAL A 430 -28.29 -4.25 3.72
CA VAL A 430 -27.80 -4.81 2.48
C VAL A 430 -28.92 -5.75 1.98
N SER A 431 -29.40 -5.51 0.77
CA SER A 431 -30.43 -6.33 0.16
C SER A 431 -29.93 -6.94 -1.13
N GLY A 432 -30.77 -7.76 -1.74
CA GLY A 432 -30.47 -8.38 -3.04
C GLY A 432 -29.47 -9.49 -2.91
N LEU A 433 -29.30 -10.09 -1.73
CA LEU A 433 -28.29 -11.15 -1.57
C LEU A 433 -28.97 -12.44 -2.03
N VAL A 434 -28.21 -13.45 -2.37
CA VAL A 434 -28.78 -14.76 -2.69
C VAL A 434 -29.20 -15.43 -1.39
N PRO A 435 -30.47 -15.85 -1.29
CA PRO A 435 -30.86 -16.45 0.00
C PRO A 435 -30.04 -17.67 0.43
N GLY A 436 -29.95 -17.86 1.75
CA GLY A 436 -28.94 -18.73 2.37
C GLY A 436 -28.24 -17.94 3.46
N ARG A 437 -27.51 -18.64 4.30
CA ARG A 437 -26.79 -18.07 5.44
C ARG A 437 -25.70 -17.14 4.94
N HIS A 438 -25.52 -16.06 5.66
CA HIS A 438 -24.39 -15.15 5.45
C HIS A 438 -23.79 -14.83 6.78
N ALA A 439 -22.51 -14.49 6.73
CA ALA A 439 -21.78 -14.00 7.89
C ALA A 439 -21.47 -12.52 7.69
N ILE A 440 -21.63 -11.75 8.76
CA ILE A 440 -21.35 -10.31 8.77
C ILE A 440 -20.10 -10.09 9.62
N CYS A 441 -19.03 -9.56 9.00
CA CYS A 441 -17.77 -9.24 9.65
C CYS A 441 -17.60 -7.73 9.59
N LEU A 442 -17.38 -7.12 10.77
CA LEU A 442 -17.21 -5.69 10.87
C LEU A 442 -15.81 -5.38 11.37
N LEU A 443 -14.99 -4.79 10.54
CA LEU A 443 -13.63 -4.38 10.91
C LEU A 443 -13.60 -2.84 11.09
N ARG A 444 -12.83 -2.37 12.06
CA ARG A 444 -12.81 -0.97 12.44
C ARG A 444 -11.41 -0.49 12.78
N ILE A 445 -11.09 0.65 12.21
CA ILE A 445 -9.96 1.45 12.60
C ILE A 445 -10.51 2.78 13.16
N ASP A 446 -10.30 2.99 14.45
CA ASP A 446 -10.69 4.24 15.10
C ASP A 446 -9.86 4.31 16.38
N GLU A 447 -10.21 5.24 17.21
CA GLU A 447 -9.51 5.46 18.46
C GLU A 447 -9.56 4.29 19.45
N GLU A 448 -10.59 3.44 19.37
CA GLU A 448 -10.70 2.26 20.24
C GLU A 448 -10.27 0.94 19.55
N PHE A 449 -10.13 0.91 18.24
CA PHE A 449 -9.88 -0.33 17.52
C PHE A 449 -8.77 -0.15 16.51
N THR A 450 -7.85 -1.13 16.47
CA THR A 450 -6.72 -1.10 15.56
C THR A 450 -5.91 0.18 15.82
N ASN A 451 -5.58 0.37 17.08
CA ASN A 451 -5.17 1.66 17.67
C ASN A 451 -3.87 1.50 18.49
N PRO A 452 -2.80 0.97 17.90
CA PRO A 452 -1.61 0.69 18.68
C PRO A 452 -0.90 1.93 19.24
N MET A 453 -1.04 3.07 18.57
CA MET A 453 -0.43 4.27 19.12
C MET A 453 -1.11 4.71 20.41
N GLU A 454 -2.47 4.66 20.48
CA GLU A 454 -3.19 4.98 21.70
C GLU A 454 -2.79 4.00 22.81
N VAL A 455 -2.65 2.74 22.44
CA VAL A 455 -2.30 1.73 23.42
C VAL A 455 -0.90 2.04 23.99
N TRP A 456 0.05 2.32 23.10
CA TRP A 456 1.40 2.66 23.48
C TRP A 456 1.48 3.90 24.37
N GLU A 457 0.72 4.94 24.03
CA GLU A 457 0.73 6.17 24.82
C GLU A 457 0.23 5.88 26.24
N ALA A 458 -0.68 4.93 26.39
CA ALA A 458 -1.22 4.59 27.72
C ALA A 458 -0.31 3.56 28.45
N GLN A 459 0.72 3.02 27.81
CA GLN A 459 1.57 2.06 28.50
C GLN A 459 2.53 2.82 29.45
N ARG A 460 2.66 2.36 30.69
CA ARG A 460 3.60 3.00 31.64
C ARG A 460 5.02 2.64 31.26
N ASP A 461 5.88 3.66 31.17
CA ASP A 461 7.27 3.44 30.85
C ASP A 461 7.90 2.93 32.12
N GLU A 462 8.33 1.68 32.09
CA GLU A 462 8.84 1.03 33.30
C GLU A 462 10.25 1.48 33.67
N SER A 463 10.98 2.09 32.74
CA SER A 463 12.25 2.68 33.05
C SER A 463 12.14 3.92 33.97
N ASN A 464 10.91 4.37 34.30
CA ASN A 464 10.68 5.49 35.19
C ASN A 464 11.61 6.67 34.97
N PRO A 465 11.65 7.19 33.73
CA PRO A 465 12.62 8.24 33.43
C PRO A 465 12.38 9.57 34.16
N ARG A 466 11.23 9.77 34.81
CA ARG A 466 11.03 10.97 35.65
C ARG A 466 10.90 10.56 37.14
N GLY A 467 11.45 9.37 37.46
CA GLY A 467 11.44 8.86 38.82
C GLY A 467 10.12 8.22 39.19
N PRO A 468 10.01 7.67 40.40
CA PRO A 468 8.85 6.86 40.80
C PRO A 468 7.57 7.59 41.07
N PHE A 469 7.64 8.91 41.26
CA PHE A 469 6.46 9.63 41.64
C PHE A 469 5.78 10.34 40.47
N GLU A 470 6.36 10.20 39.27
CA GLU A 470 5.87 10.83 38.05
C GLU A 470 5.86 9.80 36.91
N PRO A 471 4.90 8.90 36.96
CA PRO A 471 4.83 7.90 35.88
C PRO A 471 4.53 8.56 34.50
N VAL A 472 5.23 8.13 33.46
CA VAL A 472 4.96 8.60 32.09
C VAL A 472 4.65 7.39 31.21
N GLY A 473 4.15 7.69 30.02
CA GLY A 473 3.70 6.71 29.07
C GLY A 473 4.63 6.63 27.89
N ALA A 474 4.20 5.95 26.83
CA ALA A 474 4.93 5.95 25.59
C ALA A 474 6.39 5.45 25.71
N PRO A 475 6.59 4.26 26.28
CA PRO A 475 7.95 3.78 26.49
C PRO A 475 8.73 3.68 25.18
N PRO A 476 9.91 4.30 25.12
CA PRO A 476 10.71 4.12 23.92
C PRO A 476 11.29 2.75 23.78
N ALA A 477 11.45 1.98 24.86
CA ALA A 477 11.83 0.58 24.78
C ALA A 477 10.82 -0.29 25.52
N PRO A 478 9.69 -0.61 24.85
CA PRO A 478 8.66 -1.37 25.57
C PRO A 478 9.19 -2.71 26.03
N THR A 479 8.57 -3.25 27.09
CA THR A 479 8.88 -4.60 27.53
C THR A 479 8.30 -5.60 26.53
N GLU A 480 8.72 -6.86 26.66
CA GLU A 480 8.13 -7.90 25.84
C GLU A 480 6.61 -7.91 25.98
N ALA A 481 6.11 -7.91 27.20
CA ALA A 481 4.65 -7.89 27.42
C ALA A 481 3.98 -6.67 26.75
N GLN A 482 4.64 -5.53 26.77
CA GLN A 482 4.11 -4.30 26.13
C GLN A 482 4.04 -4.41 24.61
N PHE A 483 5.08 -4.99 24.03
CA PHE A 483 5.08 -5.33 22.63
C PHE A 483 3.97 -6.32 22.24
N ALA A 484 3.68 -7.31 23.10
CA ALA A 484 2.63 -8.28 22.82
C ALA A 484 1.27 -7.53 22.85
N GLU A 485 1.13 -6.57 23.75
CA GLU A 485 -0.07 -5.74 23.79
C GLU A 485 -0.19 -4.88 22.52
N LEU A 486 0.90 -4.31 22.03
CA LEU A 486 0.87 -3.51 20.81
C LEU A 486 0.58 -4.34 19.59
N ARG A 487 1.15 -5.53 19.52
CA ARG A 487 0.92 -6.40 18.38
C ARG A 487 -0.53 -6.99 18.35
N ARG A 488 -1.18 -7.11 19.50
CA ARG A 488 -2.63 -7.42 19.50
C ARG A 488 -3.42 -6.24 18.91
N ALA A 489 -3.08 -5.04 19.35
CA ALA A 489 -3.76 -3.84 18.93
C ALA A 489 -3.49 -3.46 17.49
N GLN A 490 -2.38 -3.93 16.90
CA GLN A 490 -1.99 -3.46 15.59
C GLN A 490 -2.79 -4.10 14.46
N GLU A 491 -3.45 -5.22 14.75
CA GLU A 491 -4.15 -5.97 13.72
C GLU A 491 -5.55 -5.42 13.47
N PRO A 492 -5.96 -5.35 12.19
CA PRO A 492 -7.34 -4.90 11.87
C PRO A 492 -8.33 -5.66 12.75
N ALA A 493 -9.07 -4.91 13.53
CA ALA A 493 -9.84 -5.43 14.62
C ALA A 493 -11.31 -5.60 14.27
N LEU A 494 -11.88 -6.70 14.74
CA LEU A 494 -13.33 -6.87 14.72
C LEU A 494 -14.04 -5.93 15.73
N LEU A 495 -14.97 -5.17 15.21
CA LEU A 495 -15.75 -4.22 15.97
C LEU A 495 -16.68 -4.99 16.91
N HIS A 496 -17.25 -6.07 16.40
CA HIS A 496 -18.03 -7.03 17.19
C HIS A 496 -17.71 -8.43 16.67
N PRO A 497 -18.06 -9.45 17.45
CA PRO A 497 -17.89 -10.81 16.98
C PRO A 497 -18.71 -11.05 15.73
N ILE A 498 -18.15 -11.83 14.83
CA ILE A 498 -18.80 -12.12 13.56
C ILE A 498 -20.20 -12.68 13.87
N SER A 499 -21.21 -12.22 13.18
CA SER A 499 -22.50 -12.84 13.31
C SER A 499 -22.95 -13.58 12.04
N VAL A 500 -23.60 -14.71 12.24
CA VAL A 500 -24.13 -15.48 11.14
C VAL A 500 -25.65 -15.31 11.11
N VAL A 501 -26.17 -14.97 9.96
CA VAL A 501 -27.60 -14.64 9.83
C VAL A 501 -28.21 -15.59 8.77
N ALA A 502 -29.33 -16.19 9.12
CA ALA A 502 -30.08 -17.04 8.18
C ALA A 502 -30.98 -16.14 7.37
N CYS A 503 -30.45 -15.56 6.28
CA CYS A 503 -31.19 -14.53 5.47
C CYS A 503 -31.85 -15.15 4.21
N ASP A 504 -32.89 -15.91 4.52
CA ASP A 504 -34.03 -16.26 3.66
C ASP A 504 -34.59 -15.16 2.71
N GLU A 505 -34.59 -13.89 3.12
CA GLU A 505 -35.08 -12.78 2.31
C GLU A 505 -33.95 -12.08 1.50
N GLY A 506 -32.72 -12.56 1.61
CA GLY A 506 -31.57 -11.89 1.03
C GLY A 506 -31.25 -10.48 1.56
N ARG A 507 -31.62 -10.19 2.81
CA ARG A 507 -31.36 -8.89 3.46
C ARG A 507 -30.57 -9.09 4.73
N ILE A 508 -29.67 -8.19 5.03
CA ILE A 508 -29.14 -8.11 6.40
C ILE A 508 -29.18 -6.64 6.81
N SER A 509 -29.07 -6.40 8.10
CA SER A 509 -28.93 -5.04 8.57
C SER A 509 -28.17 -5.02 9.88
N VAL A 510 -27.57 -3.86 10.14
CA VAL A 510 -26.77 -3.61 11.32
C VAL A 510 -26.70 -2.12 11.67
N ASP A 511 -26.63 -1.83 12.96
CA ASP A 511 -26.43 -0.47 13.44
C ASP A 511 -24.94 -0.27 13.64
N LEU A 512 -24.43 0.87 13.19
CA LEU A 512 -23.05 1.20 13.41
C LEU A 512 -22.97 2.57 14.06
N ASP A 513 -22.12 2.65 15.06
CA ASP A 513 -21.66 3.90 15.64
C ASP A 513 -20.40 4.26 14.89
N VAL A 514 -20.36 5.44 14.28
CA VAL A 514 -19.34 5.77 13.31
C VAL A 514 -18.56 7.01 13.77
N PRO A 515 -17.44 6.82 14.48
CA PRO A 515 -16.65 7.98 14.89
C PRO A 515 -16.01 8.73 13.75
N LEU A 516 -15.77 10.02 13.98
CA LEU A 516 -14.96 10.86 13.12
C LEU A 516 -13.61 11.05 13.85
N PRO A 517 -12.49 10.62 13.26
CA PRO A 517 -12.39 9.81 12.05
C PRO A 517 -12.48 8.31 12.30
N SER A 518 -12.88 7.57 11.25
CA SER A 518 -12.87 6.11 11.31
C SER A 518 -13.01 5.52 9.94
N LEU A 519 -12.54 4.28 9.83
CA LEU A 519 -12.75 3.47 8.65
C LEU A 519 -13.37 2.17 9.13
N THR A 520 -14.48 1.79 8.54
CA THR A 520 -15.15 0.55 8.85
C THR A 520 -15.23 -0.30 7.57
N GLN A 521 -14.92 -1.59 7.67
CA GLN A 521 -15.14 -2.51 6.52
C GLN A 521 -16.21 -3.51 6.92
N VAL A 522 -17.28 -3.57 6.13
CA VAL A 522 -18.37 -4.50 6.36
C VAL A 522 -18.29 -5.59 5.25
N LEU A 523 -18.12 -6.83 5.66
CA LEU A 523 -18.08 -7.96 4.76
C LEU A 523 -19.30 -8.78 5.07
N VAL A 524 -20.09 -9.06 4.04
CA VAL A 524 -21.25 -9.94 4.15
C VAL A 524 -21.01 -11.07 3.14
N VAL A 525 -20.73 -12.27 3.63
CA VAL A 525 -20.24 -13.33 2.75
C VAL A 525 -21.15 -14.57 2.83
N PRO A 526 -21.40 -15.24 1.68
CA PRO A 526 -22.25 -16.43 1.69
C PRO A 526 -21.50 -17.64 2.24
N ASP A 527 -22.25 -18.67 2.59
CA ASP A 527 -21.71 -19.93 3.08
C ASP A 527 -21.41 -20.84 1.85
N VAL A 528 -20.15 -21.11 1.54
CA VAL A 528 -19.87 -21.98 0.39
C VAL A 528 -20.03 -23.48 0.75
N GLY A 529 -20.30 -23.82 1.99
CA GLY A 529 -20.61 -25.18 2.34
C GLY A 529 -19.47 -26.04 2.82
N VAL A 530 -18.21 -25.59 2.68
CA VAL A 530 -17.04 -26.39 3.06
C VAL A 530 -16.03 -25.50 3.80
N PRO A 531 -15.07 -26.10 4.51
CA PRO A 531 -14.05 -25.28 5.14
C PRO A 531 -13.20 -24.58 4.11
N PRO A 532 -12.54 -23.49 4.50
CA PRO A 532 -11.67 -22.77 3.58
C PRO A 532 -10.41 -23.59 3.24
N ALA A 533 -9.79 -23.24 2.12
CA ALA A 533 -8.56 -23.83 1.71
C ALA A 533 -7.41 -23.49 2.68
N ALA A 534 -6.57 -24.48 2.89
CA ALA A 534 -5.42 -24.32 3.75
C ALA A 534 -4.44 -23.30 3.18
N PRO A 535 -3.73 -22.59 4.06
CA PRO A 535 -2.70 -21.69 3.54
C PRO A 535 -1.52 -22.46 2.92
N THR A 536 -0.65 -21.79 2.20
CA THR A 536 0.48 -22.42 1.54
C THR A 536 1.76 -21.61 1.66
N GLY A 537 2.88 -22.28 1.44
CA GLY A 537 4.15 -21.55 1.24
C GLY A 537 4.67 -20.85 2.50
N LEU A 538 4.59 -21.52 3.65
CA LEU A 538 5.00 -20.89 4.90
C LEU A 538 6.49 -20.75 4.96
N VAL A 539 7.01 -19.52 5.13
CA VAL A 539 8.44 -19.17 5.32
C VAL A 539 8.62 -18.61 6.74
N VAL A 540 9.67 -19.03 7.46
CA VAL A 540 9.94 -18.62 8.82
C VAL A 540 11.34 -18.05 8.85
N GLU A 541 11.52 -16.85 9.37
CA GLU A 541 12.86 -16.29 9.49
C GLU A 541 13.10 -15.70 10.84
N ARG A 542 14.38 -15.78 11.22
CA ARG A 542 14.87 -15.31 12.49
C ARG A 542 15.19 -13.81 12.51
N TYR A 543 14.72 -13.12 13.55
CA TYR A 543 15.12 -11.74 13.80
C TYR A 543 15.42 -11.61 15.26
N LEU A 544 16.10 -10.52 15.59
CA LEU A 544 16.27 -10.16 16.99
C LEU A 544 15.51 -8.85 17.25
N GLY A 545 14.64 -8.90 18.26
CA GLY A 545 13.93 -7.73 18.76
C GLY A 545 14.75 -6.93 19.76
N LEU A 546 14.19 -5.82 20.20
CA LEU A 546 14.85 -4.96 21.21
C LEU A 546 15.34 -5.76 22.38
N GLY A 547 16.55 -5.47 22.83
CA GLY A 547 17.21 -6.25 23.91
C GLY A 547 17.73 -7.61 23.49
N GLY A 548 17.86 -7.85 22.19
CA GLY A 548 18.30 -9.16 21.68
C GLY A 548 17.33 -10.31 21.90
N ARG A 549 16.03 -10.04 22.03
CA ARG A 549 15.01 -11.10 22.12
C ARG A 549 14.87 -11.90 20.81
N GLU A 550 14.70 -13.22 20.90
CA GLU A 550 14.57 -14.05 19.72
C GLU A 550 13.19 -13.84 19.14
N GLU A 551 13.13 -13.64 17.84
CA GLU A 551 11.80 -13.49 17.18
C GLU A 551 11.80 -14.28 15.89
N ARG A 552 10.60 -14.62 15.43
CA ARG A 552 10.41 -15.28 14.12
C ARG A 552 9.33 -14.59 13.31
N MET A 553 9.65 -14.13 12.12
CA MET A 553 8.69 -13.60 11.19
C MET A 553 8.19 -14.73 10.30
N LEU A 554 6.87 -14.90 10.25
CA LEU A 554 6.19 -15.86 9.38
C LEU A 554 5.55 -15.11 8.22
N PHE A 555 5.63 -15.71 7.03
CA PHE A 555 5.03 -15.20 5.79
C PHE A 555 4.45 -16.41 5.06
N TRP A 556 3.27 -16.28 4.48
CA TRP A 556 2.61 -17.36 3.78
C TRP A 556 1.71 -16.80 2.72
N ALA A 557 0.96 -17.65 2.03
CA ALA A 557 0.02 -17.24 0.98
C ALA A 557 -1.32 -17.83 1.33
N ALA A 558 -2.40 -17.15 0.91
CA ALA A 558 -3.76 -17.67 1.04
C ALA A 558 -3.91 -18.90 0.13
N GLY A 559 -4.69 -19.88 0.56
CA GLY A 559 -4.95 -21.09 -0.20
C GLY A 559 -5.81 -20.78 -1.40
N ASP A 560 -6.66 -19.77 -1.29
CA ASP A 560 -7.43 -19.31 -2.45
C ASP A 560 -7.83 -17.87 -2.28
N ILE A 561 -8.78 -17.45 -3.11
CA ILE A 561 -9.23 -16.03 -3.18
CA ILE A 561 -9.23 -16.06 -3.24
C ILE A 561 -10.54 -15.76 -2.42
N SER A 562 -11.02 -16.74 -1.65
CA SER A 562 -12.17 -16.53 -0.76
C SER A 562 -12.10 -15.26 0.12
N PRO A 563 -13.22 -14.55 0.26
CA PRO A 563 -13.28 -13.34 1.11
C PRO A 563 -13.43 -13.71 2.57
N ALA A 564 -13.10 -12.77 3.45
CA ALA A 564 -13.37 -12.91 4.90
C ALA A 564 -12.73 -14.17 5.51
N ILE A 565 -11.48 -14.42 5.12
CA ILE A 565 -10.62 -15.44 5.72
C ILE A 565 -9.65 -14.82 6.72
N PHE A 566 -9.60 -15.44 7.90
CA PHE A 566 -8.73 -15.04 8.99
C PHE A 566 -7.75 -16.17 9.36
N TYR A 567 -6.53 -15.84 9.75
CA TYR A 567 -5.50 -16.85 10.06
C TYR A 567 -5.18 -16.84 11.54
N ASP A 568 -4.94 -18.04 12.05
CA ASP A 568 -4.34 -18.26 13.37
C ASP A 568 -2.96 -18.85 13.14
N VAL A 569 -2.06 -18.52 14.05
CA VAL A 569 -0.73 -19.07 14.08
C VAL A 569 -0.65 -19.88 15.34
N LEU A 570 -0.18 -21.12 15.18
CA LEU A 570 0.00 -22.02 16.31
C LEU A 570 1.44 -22.50 16.43
N VAL A 571 1.75 -23.01 17.61
CA VAL A 571 3.07 -23.44 17.96
C VAL A 571 2.99 -24.77 18.68
N SER A 572 3.90 -25.65 18.28
CA SER A 572 4.13 -26.94 18.93
C SER A 572 5.57 -26.94 19.45
N THR A 573 5.73 -27.59 20.60
CA THR A 573 7.07 -27.78 21.19
C THR A 573 7.11 -29.15 21.94
N ASP A 574 8.11 -30.03 21.78
CA ASP A 574 8.99 -30.23 20.63
C ASP A 574 8.35 -31.37 19.82
N GLY A 575 7.02 -31.35 19.71
CA GLY A 575 6.23 -32.52 19.40
C GLY A 575 4.89 -32.52 20.12
N GLY A 576 4.78 -31.79 21.23
CA GLY A 576 3.48 -31.54 21.89
C GLY A 576 2.47 -30.90 20.96
N THR A 577 1.20 -30.89 21.34
CA THR A 577 0.17 -30.40 20.43
C THR A 577 0.24 -28.87 20.25
N PHE A 578 -0.29 -28.45 19.13
CA PHE A 578 -0.24 -27.06 18.72
C PHE A 578 -1.13 -26.19 19.59
N GLU A 579 -0.58 -25.10 20.12
CA GLU A 579 -1.38 -24.12 20.87
C GLU A 579 -1.31 -22.80 20.08
N LYS A 580 -2.40 -22.05 20.13
CA LYS A 580 -2.50 -20.78 19.44
C LYS A 580 -1.65 -19.73 20.09
N VAL A 581 -0.97 -18.96 19.26
CA VAL A 581 0.03 -17.98 19.68
C VAL A 581 -0.28 -16.57 19.09
N SER A 582 -1.12 -16.49 18.05
CA SER A 582 -1.58 -15.21 17.53
C SER A 582 -2.69 -14.68 18.46
N SER A 583 -2.80 -13.38 18.63
CA SER A 583 -3.75 -12.85 19.61
C SER A 583 -5.03 -12.48 18.87
N ALA A 584 -4.93 -11.60 17.90
CA ALA A 584 -6.07 -11.23 17.07
C ALA A 584 -6.07 -12.09 15.80
N PRO A 585 -7.26 -12.42 15.27
CA PRO A 585 -7.39 -13.01 13.93
C PRO A 585 -6.74 -12.16 12.84
N LEU A 586 -5.97 -12.80 11.98
CA LEU A 586 -5.14 -12.06 11.06
C LEU A 586 -5.82 -12.05 9.74
N ILE A 587 -6.02 -10.89 9.14
CA ILE A 587 -6.46 -10.92 7.74
C ILE A 587 -5.32 -10.93 6.69
N SER A 588 -4.12 -10.57 7.10
CA SER A 588 -2.96 -10.61 6.23
C SER A 588 -2.13 -11.85 6.55
N THR A 589 -1.36 -12.30 5.58
CA THR A 589 -0.63 -13.55 5.67
C THR A 589 0.78 -13.34 6.16
N ALA A 590 0.89 -12.77 7.35
CA ALA A 590 2.16 -12.48 7.95
C ALA A 590 1.99 -12.38 9.46
N PHE A 591 3.00 -12.80 10.21
CA PHE A 591 2.94 -12.77 11.66
C PHE A 591 4.30 -12.74 12.29
N LEU A 592 4.53 -11.80 13.19
CA LEU A 592 5.75 -11.74 13.96
C LEU A 592 5.56 -12.46 15.31
N HIS A 593 6.29 -13.55 15.57
CA HIS A 593 6.22 -14.26 16.85
C HIS A 593 7.42 -13.97 17.73
N MET A 594 7.20 -13.60 18.98
CA MET A 594 8.24 -13.26 19.96
CA MET A 594 8.28 -13.31 19.92
C MET A 594 8.54 -14.50 20.84
N SER A 595 9.83 -14.73 21.12
CA SER A 595 10.28 -15.76 22.09
C SER A 595 9.77 -17.17 21.77
N PRO A 596 10.16 -17.72 20.64
CA PRO A 596 9.75 -19.09 20.37
C PRO A 596 10.34 -20.05 21.43
N PRO A 597 9.58 -21.09 21.82
CA PRO A 597 10.18 -22.10 22.68
C PRO A 597 11.23 -22.92 21.91
N GLU A 598 11.96 -23.77 22.62
CA GLU A 598 12.94 -24.63 21.98
C GLU A 598 12.28 -25.71 21.13
N GLY A 599 12.95 -26.07 20.03
CA GLY A 599 12.42 -27.01 19.03
C GLY A 599 11.03 -26.59 18.57
N VAL A 600 10.91 -25.30 18.21
CA VAL A 600 9.60 -24.71 17.85
C VAL A 600 9.16 -25.24 16.48
N ARG A 601 7.91 -25.68 16.39
CA ARG A 601 7.27 -25.90 15.11
C ARG A 601 6.03 -24.98 15.01
N TYR A 602 5.92 -24.28 13.88
CA TYR A 602 4.83 -23.35 13.56
C TYR A 602 3.80 -24.04 12.70
N ALA A 603 2.53 -23.69 12.89
CA ALA A 603 1.43 -24.08 12.00
C ALA A 603 0.52 -22.85 11.77
N VAL A 604 0.00 -22.70 10.55
CA VAL A 604 -0.95 -21.64 10.22
C VAL A 604 -2.23 -22.30 9.71
N CYS A 605 -3.39 -21.91 10.29
CA CYS A 605 -4.72 -22.37 9.92
C CYS A 605 -5.50 -21.22 9.32
N ALA A 606 -6.33 -21.47 8.33
CA ALA A 606 -7.30 -20.51 7.86
C ALA A 606 -8.61 -20.80 8.55
N ARG A 607 -9.37 -19.73 8.86
CA ARG A 607 -10.71 -19.80 9.43
C ARG A 607 -11.64 -18.92 8.61
N ASP A 608 -12.78 -19.46 8.21
CA ASP A 608 -13.73 -18.68 7.49
C ASP A 608 -14.64 -17.96 8.50
N ALA A 609 -15.52 -17.14 7.98
CA ALA A 609 -16.38 -16.35 8.86
C ALA A 609 -17.47 -17.20 9.55
N PHE A 610 -17.65 -18.45 9.14
CA PHE A 610 -18.58 -19.35 9.80
C PHE A 610 -17.88 -20.15 10.91
N GLY A 611 -16.65 -19.80 11.28
CA GLY A 611 -15.89 -20.53 12.28
C GLY A 611 -15.22 -21.83 11.80
N ARG A 612 -15.27 -22.19 10.53
CA ARG A 612 -14.64 -23.45 10.12
C ARG A 612 -13.14 -23.29 9.86
N ARG A 613 -12.36 -24.20 10.40
CA ARG A 613 -10.92 -24.26 10.20
C ARG A 613 -10.58 -24.99 8.94
N SER A 614 -9.54 -24.54 8.23
CA SER A 614 -9.06 -25.28 7.06
C SER A 614 -8.64 -26.65 7.61
N GLU A 615 -9.23 -27.72 7.03
CA GLU A 615 -8.97 -29.15 7.43
C GLU A 615 -7.47 -29.49 7.58
N LEU A 616 -6.67 -28.87 6.74
CA LEU A 616 -5.25 -28.89 6.80
C LEU A 616 -4.82 -27.52 7.42
N CYS A 617 -3.91 -27.59 8.39
CA CYS A 617 -3.01 -26.52 8.71
C CYS A 617 -1.72 -26.64 7.88
N LEU A 618 -1.00 -25.53 7.72
CA LEU A 618 0.26 -25.45 6.99
CA LEU A 618 0.26 -25.48 6.99
C LEU A 618 1.36 -25.39 8.04
N SER A 619 2.29 -26.32 8.00
CA SER A 619 3.42 -26.41 8.94
C SER A 619 4.75 -26.02 8.34
N ARG A 620 5.67 -25.66 9.25
CA ARG A 620 7.15 -25.68 9.08
C ARG A 620 7.89 -24.86 10.19
N SER A 621 9.18 -24.54 10.00
CA SER A 621 9.95 -23.60 10.89
C SER A 621 11.29 -23.26 10.23
#